data_5LDM
#
_entry.id   5LDM
#
_cell.length_a   108.070
_cell.length_b   108.070
_cell.length_c   72.640
_cell.angle_alpha   90.00
_cell.angle_beta   90.00
_cell.angle_gamma   90.00
#
_symmetry.space_group_name_H-M   'P 4 21 2'
#
loop_
_entity.id
_entity.type
_entity.pdbx_description
1 polymer "RNA 2',3'-cyclic phosphodiesterase"
2 non-polymer "ADENOSINE-2'-MONOPHOSPHATE"
3 non-polymer 'CHLORIDE ION'
4 water water
#
_entity_poly.entity_id   1
_entity_poly.type   'polypeptide(L)'
_entity_poly.pdbx_seq_one_letter_code
;GMSEPQRLFFAIDLPAEIREQIIHWRAKHFPPEAGRPVAADNLHLTLAFLGEVSAEKEKALSLLAGRIRQPGFTLTLDDA
GQWLRSRVVWLGMRQPPRGLIQLANMLRSQAARSGCFQSNRPFHPHITLLRDASEAVTIPPPGFNWSYAVTEFTLYASSF
ARGRTRYTPLKRWALTQ
;
_entity_poly.pdbx_strand_id   A,B
#
loop_
_chem_comp.id
_chem_comp.type
_chem_comp.name
_chem_comp.formula
2AM non-polymer ADENOSINE-2'-MONOPHOSPHATE 'C10 H14 N5 O7 P'
CL non-polymer 'CHLORIDE ION' 'Cl -1'
#
# COMPACT_ATOMS: atom_id res chain seq x y z
N GLU A 4 11.07 12.45 -4.82
CA GLU A 4 10.34 11.26 -5.27
C GLU A 4 9.92 10.41 -4.08
N PRO A 5 8.60 10.33 -3.80
CA PRO A 5 8.13 9.63 -2.60
C PRO A 5 8.23 8.10 -2.67
N GLN A 6 8.44 7.46 -1.53
CA GLN A 6 8.60 6.01 -1.46
C GLN A 6 7.88 5.42 -0.25
N ARG A 7 7.42 4.18 -0.39
CA ARG A 7 6.89 3.43 0.74
C ARG A 7 8.06 2.78 1.49
N LEU A 8 8.36 3.28 2.68
CA LEU A 8 9.55 2.89 3.42
C LEU A 8 9.20 2.27 4.76
N PHE A 9 10.09 1.42 5.27
CA PHE A 9 9.94 0.80 6.57
C PHE A 9 11.28 0.29 7.11
N PHE A 10 11.49 0.42 8.42
CA PHE A 10 12.66 -0.18 9.06
C PHE A 10 12.36 -1.63 9.44
N ALA A 11 13.35 -2.51 9.29
CA ALA A 11 13.13 -3.93 9.57
C ALA A 11 14.40 -4.66 10.02
N ILE A 12 14.17 -5.74 10.78
CA ILE A 12 15.20 -6.71 11.11
C ILE A 12 15.11 -7.85 10.11
N ASP A 13 16.25 -8.43 9.73
CA ASP A 13 16.31 -9.47 8.70
C ASP A 13 16.63 -10.82 9.31
N LEU A 14 16.60 -11.85 8.47
CA LEU A 14 16.85 -13.22 8.92
C LEU A 14 17.99 -13.87 8.15
N PRO A 15 18.90 -14.55 8.88
CA PRO A 15 19.97 -15.29 8.20
C PRO A 15 19.40 -16.33 7.25
N ALA A 16 20.10 -16.62 6.16
CA ALA A 16 19.59 -17.52 5.14
C ALA A 16 19.21 -18.88 5.71
N GLU A 17 20.07 -19.42 6.56
CA GLU A 17 19.85 -20.75 7.13
C GLU A 17 18.48 -20.83 7.76
N ILE A 18 18.08 -19.76 8.43
CA ILE A 18 16.82 -19.72 9.14
C ILE A 18 15.69 -19.44 8.20
N ARG A 19 15.92 -18.60 7.18
CA ARG A 19 14.90 -18.37 6.18
C ARG A 19 14.54 -19.70 5.52
N GLU A 20 15.56 -20.51 5.23
CA GLU A 20 15.33 -21.80 4.58
C GLU A 20 14.59 -22.79 5.48
N GLN A 21 14.92 -22.80 6.76
CA GLN A 21 14.23 -23.65 7.72
C GLN A 21 12.76 -23.25 7.81
N ILE A 22 12.50 -21.96 7.81
CA ILE A 22 11.14 -21.46 7.91
C ILE A 22 10.27 -21.85 6.73
N ILE A 23 10.73 -21.59 5.50
CA ILE A 23 9.92 -21.94 4.33
C ILE A 23 9.70 -23.44 4.24
N HIS A 24 10.64 -24.22 4.78
CA HIS A 24 10.52 -25.68 4.78
C HIS A 24 9.42 -26.12 5.75
N TRP A 25 9.45 -25.53 6.94
CA TRP A 25 8.43 -25.73 7.95
C TRP A 25 7.06 -25.34 7.42
N ARG A 26 7.00 -24.20 6.74
N ARG A 26 7.01 -24.19 6.75
CA ARG A 26 5.75 -23.65 6.23
CA ARG A 26 5.77 -23.63 6.21
C ARG A 26 5.11 -24.58 5.20
C ARG A 26 5.12 -24.58 5.21
N ALA A 27 5.89 -25.01 4.22
CA ALA A 27 5.39 -25.89 3.17
C ALA A 27 4.87 -27.21 3.74
N LYS A 28 5.42 -27.62 4.88
CA LYS A 28 5.06 -28.88 5.50
C LYS A 28 3.69 -28.82 6.20
N HIS A 29 3.44 -27.70 6.88
CA HIS A 29 2.27 -27.57 7.72
C HIS A 29 1.14 -26.75 7.10
N PHE A 30 1.45 -26.03 6.02
CA PHE A 30 0.48 -25.15 5.37
C PHE A 30 0.38 -25.47 3.88
N PRO A 31 -0.76 -26.06 3.45
CA PRO A 31 -0.92 -26.32 2.03
C PRO A 31 -1.19 -25.03 1.25
N PRO A 32 -1.15 -25.11 -0.09
CA PRO A 32 -1.36 -23.93 -0.94
C PRO A 32 -2.66 -23.17 -0.62
N GLU A 33 -3.72 -23.91 -0.31
CA GLU A 33 -5.02 -23.30 -0.07
C GLU A 33 -5.03 -22.47 1.22
N ALA A 34 -4.05 -22.71 2.09
CA ALA A 34 -4.01 -22.06 3.39
C ALA A 34 -3.79 -20.55 3.27
N GLY A 35 -3.09 -20.11 2.22
CA GLY A 35 -2.86 -18.70 2.00
C GLY A 35 -1.74 -18.45 0.99
N ARG A 36 -1.41 -17.18 0.80
CA ARG A 36 -0.36 -16.79 -0.14
C ARG A 36 0.97 -16.69 0.58
N PRO A 37 1.93 -17.57 0.23
CA PRO A 37 3.20 -17.65 0.98
C PRO A 37 4.19 -16.56 0.64
N VAL A 38 4.68 -15.87 1.66
CA VAL A 38 5.65 -14.81 1.47
C VAL A 38 6.95 -15.39 0.90
N ALA A 39 7.51 -14.73 -0.12
CA ALA A 39 8.76 -15.17 -0.72
C ALA A 39 9.84 -15.22 0.35
N ALA A 40 10.75 -16.19 0.23
CA ALA A 40 11.77 -16.41 1.24
C ALA A 40 12.60 -15.17 1.52
N ASP A 41 12.92 -14.42 0.46
CA ASP A 41 13.77 -13.24 0.59
C ASP A 41 13.01 -12.04 1.16
N ASN A 42 11.69 -12.14 1.21
CA ASN A 42 10.85 -11.06 1.76
C ASN A 42 10.49 -11.26 3.22
N LEU A 43 10.87 -12.41 3.79
CA LEU A 43 10.64 -12.66 5.20
C LEU A 43 11.47 -11.72 6.05
N HIS A 44 10.82 -11.05 7.00
CA HIS A 44 11.48 -10.04 7.82
C HIS A 44 10.58 -9.70 8.99
N LEU A 45 11.11 -8.91 9.92
CA LEU A 45 10.37 -8.42 11.08
C LEU A 45 10.37 -6.89 11.05
N THR A 46 9.21 -6.31 10.80
CA THR A 46 9.11 -4.86 10.69
C THR A 46 9.26 -4.23 12.06
N LEU A 47 10.06 -3.15 12.12
CA LEU A 47 10.25 -2.39 13.34
C LEU A 47 9.36 -1.15 13.34
N ALA A 48 9.13 -0.63 12.14
CA ALA A 48 8.31 0.59 11.97
C ALA A 48 8.01 0.82 10.50
N PHE A 49 6.72 0.96 10.19
CA PHE A 49 6.27 1.31 8.85
C PHE A 49 6.09 2.81 8.74
N LEU A 50 6.74 3.40 7.75
CA LEU A 50 6.82 4.84 7.64
C LEU A 50 5.81 5.37 6.62
N GLY A 51 5.41 4.50 5.69
CA GLY A 51 4.46 4.90 4.66
C GLY A 51 5.15 5.68 3.57
N GLU A 52 4.37 6.46 2.83
CA GLU A 52 4.94 7.29 1.77
C GLU A 52 5.79 8.39 2.41
N VAL A 53 7.04 8.52 1.96
CA VAL A 53 7.97 9.48 2.53
C VAL A 53 8.75 10.22 1.43
N SER A 54 8.83 11.55 1.55
CA SER A 54 9.61 12.35 0.63
C SER A 54 11.11 12.16 0.88
N ALA A 55 11.92 12.66 -0.05
CA ALA A 55 13.37 12.53 0.04
C ALA A 55 13.91 13.33 1.22
N GLU A 56 13.35 14.51 1.44
CA GLU A 56 13.79 15.36 2.54
C GLU A 56 13.57 14.67 3.88
N LYS A 57 12.43 13.99 4.00
CA LYS A 57 12.10 13.31 5.25
C LYS A 57 12.83 11.99 5.37
N GLU A 58 13.14 11.36 4.25
CA GLU A 58 13.95 10.16 4.25
C GLU A 58 15.32 10.52 4.80
N LYS A 59 15.89 11.61 4.29
CA LYS A 59 17.17 12.13 4.77
C LYS A 59 17.15 12.30 6.28
N ALA A 60 16.14 13.01 6.77
CA ALA A 60 16.06 13.37 8.18
C ALA A 60 15.88 12.14 9.06
N LEU A 61 15.02 11.23 8.62
CA LEU A 61 14.81 9.99 9.34
C LEU A 61 16.08 9.17 9.36
N SER A 62 16.72 9.08 8.20
CA SER A 62 17.97 8.33 8.06
C SER A 62 19.04 8.84 9.02
N LEU A 63 18.97 10.13 9.35
CA LEU A 63 19.92 10.74 10.25
C LEU A 63 19.61 10.39 11.70
N LEU A 64 18.34 10.50 12.07
CA LEU A 64 17.91 10.15 13.42
C LEU A 64 18.28 8.69 13.72
N ALA A 65 18.06 7.81 12.75
CA ALA A 65 18.39 6.41 12.91
C ALA A 65 19.88 6.25 13.16
N GLY A 66 20.66 7.12 12.53
CA GLY A 66 22.10 7.11 12.66
C GLY A 66 22.53 7.55 14.05
N ARG A 67 21.64 8.22 14.76
CA ARG A 67 21.93 8.68 16.12
C ARG A 67 21.63 7.59 17.15
N ILE A 68 20.95 6.54 16.71
CA ILE A 68 20.63 5.43 17.60
C ILE A 68 21.90 4.69 18.03
N ARG A 69 21.96 4.40 19.33
CA ARG A 69 23.12 3.80 19.96
C ARG A 69 22.61 2.71 20.90
N GLN A 70 22.64 1.47 20.43
CA GLN A 70 21.98 0.38 21.13
C GLN A 70 22.70 -0.95 20.91
N PRO A 71 22.94 -1.70 21.99
CA PRO A 71 23.62 -3.00 21.82
C PRO A 71 22.83 -3.98 20.97
N GLY A 72 23.53 -4.92 20.35
CA GLY A 72 22.88 -6.00 19.62
C GLY A 72 22.15 -6.87 20.63
N PHE A 73 21.32 -7.78 20.12
CA PHE A 73 20.57 -8.69 20.99
C PHE A 73 20.21 -9.93 20.21
N THR A 74 19.69 -10.93 20.91
CA THR A 74 19.39 -12.23 20.31
C THR A 74 17.89 -12.42 20.17
N LEU A 75 17.46 -12.92 19.02
CA LEU A 75 16.06 -13.32 18.81
C LEU A 75 15.96 -14.83 18.75
N THR A 76 14.95 -15.35 19.44
CA THR A 76 14.65 -16.78 19.40
C THR A 76 13.15 -16.93 19.13
N LEU A 77 12.80 -17.41 17.95
CA LEU A 77 11.42 -17.53 17.55
C LEU A 77 10.74 -18.77 18.13
N ASP A 78 10.08 -18.59 19.28
CA ASP A 78 9.43 -19.70 19.96
C ASP A 78 7.92 -19.72 19.76
N ASP A 79 7.39 -18.74 19.04
CA ASP A 79 5.95 -18.56 18.95
C ASP A 79 5.45 -18.44 17.52
N ALA A 80 4.25 -18.93 17.28
CA ALA A 80 3.58 -18.77 16.00
C ALA A 80 2.10 -18.56 16.26
N GLY A 81 1.39 -18.04 15.26
CA GLY A 81 -0.02 -17.75 15.42
C GLY A 81 -0.66 -17.23 14.15
N GLN A 82 -1.88 -16.72 14.29
CA GLN A 82 -2.67 -16.28 13.16
C GLN A 82 -3.64 -15.17 13.57
N TRP A 83 -3.56 -14.05 12.86
CA TRP A 83 -4.52 -12.96 13.04
C TRP A 83 -5.53 -13.01 11.92
N LEU A 84 -6.77 -13.31 12.27
CA LEU A 84 -7.80 -13.53 11.28
C LEU A 84 -8.25 -12.24 10.62
N ARG A 85 -8.23 -11.14 11.37
CA ARG A 85 -8.70 -9.86 10.85
C ARG A 85 -7.75 -9.39 9.76
N SER A 86 -6.45 -9.52 10.02
CA SER A 86 -5.40 -9.14 9.07
C SER A 86 -5.22 -10.23 8.03
N ARG A 87 -5.76 -11.41 8.32
CA ARG A 87 -5.65 -12.57 7.45
C ARG A 87 -4.21 -13.00 7.18
N VAL A 88 -3.40 -13.08 8.24
CA VAL A 88 -2.01 -13.53 8.13
C VAL A 88 -1.68 -14.63 9.12
N VAL A 89 -0.68 -15.45 8.76
CA VAL A 89 -0.07 -16.39 9.69
C VAL A 89 1.36 -15.90 9.90
N TRP A 90 1.73 -15.74 11.17
CA TRP A 90 2.96 -15.07 11.53
C TRP A 90 3.84 -15.89 12.44
N LEU A 91 5.12 -15.54 12.42
CA LEU A 91 6.12 -16.13 13.29
C LEU A 91 6.50 -15.03 14.27
N GLY A 92 6.77 -15.39 15.53
CA GLY A 92 7.09 -14.37 16.51
C GLY A 92 7.82 -14.90 17.72
N MET A 93 7.60 -14.23 18.85
N MET A 93 7.69 -14.21 18.85
CA MET A 93 8.30 -14.52 20.10
CA MET A 93 8.21 -14.75 20.09
C MET A 93 7.38 -14.25 21.30
C MET A 93 7.39 -14.29 21.29
N ARG A 94 7.36 -15.16 22.29
CA ARG A 94 6.53 -14.98 23.47
C ARG A 94 6.96 -13.81 24.34
N GLN A 95 8.27 -13.70 24.55
CA GLN A 95 8.84 -12.62 25.34
C GLN A 95 9.96 -11.96 24.53
N PRO A 96 9.60 -10.98 23.68
CA PRO A 96 10.58 -10.24 22.88
C PRO A 96 11.65 -9.59 23.77
N PRO A 97 12.94 -9.62 23.34
CA PRO A 97 14.01 -8.98 24.11
C PRO A 97 13.77 -7.49 24.26
N ARG A 98 14.20 -6.88 25.36
CA ARG A 98 13.93 -5.47 25.58
C ARG A 98 14.57 -4.65 24.48
N GLY A 99 15.77 -5.07 24.08
CA GLY A 99 16.55 -4.34 23.09
C GLY A 99 15.78 -4.16 21.79
N LEU A 100 14.99 -5.16 21.45
CA LEU A 100 14.18 -5.11 20.24
C LEU A 100 13.04 -4.11 20.43
N ILE A 101 12.41 -4.14 21.61
CA ILE A 101 11.32 -3.24 21.92
C ILE A 101 11.82 -1.81 21.96
N GLN A 102 12.97 -1.61 22.61
CA GLN A 102 13.59 -0.30 22.67
C GLN A 102 13.81 0.23 21.26
N LEU A 103 14.41 -0.60 20.42
CA LEU A 103 14.76 -0.20 19.06
C LEU A 103 13.53 0.23 18.27
N ALA A 104 12.43 -0.50 18.43
CA ALA A 104 11.21 -0.25 17.66
C ALA A 104 10.50 1.01 18.11
N ASN A 105 10.31 1.15 19.42
CA ASN A 105 9.64 2.32 19.96
C ASN A 105 10.41 3.58 19.64
N MET A 106 11.73 3.50 19.71
CA MET A 106 12.59 4.66 19.40
C MET A 106 12.42 5.07 17.94
N LEU A 107 12.52 4.10 17.03
CA LEU A 107 12.29 4.34 15.61
C LEU A 107 10.85 4.82 15.36
N ARG A 108 9.91 4.29 16.14
CA ARG A 108 8.51 4.68 15.99
C ARG A 108 8.28 6.11 16.47
N SER A 109 8.96 6.49 17.55
CA SER A 109 8.83 7.83 18.08
C SER A 109 9.50 8.84 17.14
N GLN A 110 10.59 8.44 16.49
CA GLN A 110 11.25 9.30 15.52
C GLN A 110 10.40 9.48 14.26
N ALA A 111 9.66 8.44 13.90
CA ALA A 111 8.73 8.50 12.79
C ALA A 111 7.59 9.46 13.14
N ALA A 112 7.08 9.35 14.37
CA ALA A 112 5.98 10.21 14.82
C ALA A 112 6.39 11.68 14.78
N ARG A 113 7.51 12.00 15.42
CA ARG A 113 7.99 13.38 15.48
C ARG A 113 8.41 13.89 14.10
N SER A 114 8.57 12.98 13.14
CA SER A 114 8.92 13.33 11.77
C SER A 114 7.68 13.58 10.90
N GLY A 115 6.50 13.30 11.45
CA GLY A 115 5.27 13.55 10.74
C GLY A 115 4.83 12.38 9.89
N CYS A 116 5.09 11.17 10.37
CA CYS A 116 4.62 9.95 9.70
C CYS A 116 3.37 9.49 10.40
N PHE A 117 2.63 8.57 9.77
CA PHE A 117 1.37 8.10 10.35
C PHE A 117 1.55 6.79 11.09
N GLN A 118 1.21 6.85 12.38
CA GLN A 118 1.56 5.80 13.33
C GLN A 118 0.62 4.62 13.30
N SER A 119 1.10 3.52 13.86
CA SER A 119 0.40 2.24 13.84
C SER A 119 -1.02 2.34 14.36
N ASN A 120 -1.22 3.19 15.37
CA ASN A 120 -2.50 3.30 16.06
C ASN A 120 -2.81 2.02 16.85
N ARG A 121 -1.87 1.08 16.83
CA ARG A 121 -2.00 -0.20 17.52
C ARG A 121 -0.67 -0.48 18.21
N PRO A 122 -0.68 -1.31 19.26
CA PRO A 122 0.61 -1.61 19.90
C PRO A 122 1.57 -2.32 18.94
N PHE A 123 2.85 -2.22 19.23
CA PHE A 123 3.85 -2.92 18.44
C PHE A 123 3.86 -4.39 18.82
N HIS A 124 3.47 -5.26 17.88
N HIS A 124 3.45 -5.26 17.90
CA HIS A 124 3.58 -6.71 18.10
CA HIS A 124 3.56 -6.71 18.08
C HIS A 124 4.59 -7.31 17.14
C HIS A 124 4.61 -7.25 17.11
N PRO A 125 5.83 -7.50 17.59
CA PRO A 125 6.85 -8.02 16.68
C PRO A 125 6.48 -9.38 16.09
N HIS A 126 6.64 -9.54 14.79
CA HIS A 126 6.22 -10.75 14.10
C HIS A 126 6.85 -10.81 12.71
N ILE A 127 6.94 -12.01 12.16
CA ILE A 127 7.36 -12.23 10.78
C ILE A 127 6.20 -12.90 10.06
N THR A 128 5.73 -12.29 8.98
CA THR A 128 4.58 -12.81 8.27
C THR A 128 4.98 -13.90 7.28
N LEU A 129 4.34 -15.06 7.42
CA LEU A 129 4.60 -16.21 6.56
C LEU A 129 3.58 -16.36 5.44
N LEU A 130 2.30 -16.24 5.81
CA LEU A 130 1.18 -16.36 4.86
C LEU A 130 0.33 -15.10 4.87
N ARG A 131 -0.07 -14.68 3.67
CA ARG A 131 -0.96 -13.53 3.52
C ARG A 131 -2.28 -13.98 2.91
N ASP A 132 -3.33 -13.20 3.14
CA ASP A 132 -4.68 -13.57 2.71
C ASP A 132 -5.03 -14.99 3.16
N ALA A 133 -4.76 -15.27 4.43
CA ALA A 133 -5.19 -16.50 5.08
C ALA A 133 -6.47 -16.19 5.84
N SER A 134 -7.59 -16.17 5.13
CA SER A 134 -8.87 -15.77 5.69
C SER A 134 -9.36 -16.76 6.74
N GLU A 135 -9.46 -18.03 6.35
CA GLU A 135 -10.04 -19.05 7.22
C GLU A 135 -9.06 -19.50 8.31
N ALA A 136 -9.60 -19.79 9.49
CA ALA A 136 -8.79 -20.21 10.63
C ALA A 136 -8.22 -21.59 10.38
N VAL A 137 -6.95 -21.79 10.75
CA VAL A 137 -6.29 -23.08 10.57
C VAL A 137 -5.36 -23.36 11.74
N THR A 138 -5.09 -24.65 11.99
CA THR A 138 -4.30 -25.06 13.13
C THR A 138 -2.83 -24.66 13.00
N ILE A 139 -2.32 -23.99 14.04
CA ILE A 139 -0.99 -23.42 14.03
C ILE A 139 -0.05 -24.25 14.89
N PRO A 140 0.90 -24.98 14.25
CA PRO A 140 1.84 -25.75 15.05
C PRO A 140 2.89 -24.84 15.66
N PRO A 141 3.66 -25.33 16.63
CA PRO A 141 4.77 -24.52 17.14
C PRO A 141 5.84 -24.38 16.07
N PRO A 142 6.66 -23.32 16.14
CA PRO A 142 7.76 -23.18 15.18
C PRO A 142 8.78 -24.32 15.27
N GLY A 143 9.79 -24.29 14.40
CA GLY A 143 10.82 -25.32 14.39
C GLY A 143 11.75 -25.16 15.57
N PHE A 144 12.69 -26.09 15.71
CA PHE A 144 13.62 -26.04 16.83
C PHE A 144 14.78 -25.07 16.56
N ASN A 145 15.13 -24.29 17.56
CA ASN A 145 16.37 -23.52 17.56
C ASN A 145 16.48 -22.43 16.48
N TRP A 146 15.38 -21.77 16.19
CA TRP A 146 15.39 -20.63 15.28
C TRP A 146 15.86 -19.42 16.07
N SER A 147 17.13 -19.46 16.47
CA SER A 147 17.72 -18.43 17.32
C SER A 147 18.96 -17.84 16.63
N TYR A 148 19.10 -16.51 16.68
CA TYR A 148 20.21 -15.86 15.99
C TYR A 148 20.49 -14.44 16.49
N ALA A 149 21.69 -13.96 16.20
CA ALA A 149 22.16 -12.68 16.71
C ALA A 149 21.80 -11.55 15.76
N VAL A 150 21.27 -10.47 16.31
CA VAL A 150 20.87 -9.32 15.50
C VAL A 150 21.95 -8.24 15.57
N THR A 151 22.58 -7.98 14.42
CA THR A 151 23.77 -7.14 14.36
C THR A 151 23.49 -5.78 13.74
N GLU A 152 22.33 -5.64 13.11
CA GLU A 152 21.99 -4.39 12.45
C GLU A 152 20.50 -4.27 12.16
N PHE A 153 20.10 -3.10 11.70
CA PHE A 153 18.76 -2.90 11.15
C PHE A 153 18.84 -2.11 9.84
N THR A 154 17.79 -2.23 9.03
CA THR A 154 17.82 -1.78 7.66
C THR A 154 16.58 -0.97 7.30
N LEU A 155 16.80 0.13 6.56
CA LEU A 155 15.72 0.90 5.96
C LEU A 155 15.47 0.33 4.58
N TYR A 156 14.27 -0.20 4.38
CA TYR A 156 13.87 -0.78 3.10
C TYR A 156 12.89 0.12 2.38
N ALA A 157 12.82 -0.07 1.08
CA ALA A 157 11.79 0.54 0.25
C ALA A 157 10.93 -0.59 -0.29
N SER A 158 9.61 -0.43 -0.20
CA SER A 158 8.66 -1.41 -0.71
C SER A 158 8.26 -1.01 -2.12
N SER A 159 8.25 -2.00 -3.02
CA SER A 159 7.92 -1.79 -4.41
C SER A 159 7.20 -3.01 -4.96
N PHE A 160 6.11 -2.79 -5.68
CA PHE A 160 5.41 -3.85 -6.38
C PHE A 160 5.61 -3.68 -7.88
N ALA A 161 6.06 -4.74 -8.54
CA ALA A 161 6.29 -4.69 -9.99
C ALA A 161 6.45 -6.11 -10.52
N ARG A 162 5.94 -6.34 -11.73
CA ARG A 162 5.97 -7.65 -12.36
C ARG A 162 5.32 -8.70 -11.46
N GLY A 163 4.14 -8.37 -10.95
CA GLY A 163 3.34 -9.31 -10.18
C GLY A 163 4.01 -9.82 -8.92
N ARG A 164 5.05 -9.13 -8.48
CA ARG A 164 5.75 -9.51 -7.24
C ARG A 164 6.06 -8.28 -6.39
N THR A 165 6.07 -8.49 -5.08
CA THR A 165 6.44 -7.46 -4.13
C THR A 165 7.95 -7.53 -3.89
N ARG A 166 8.62 -6.38 -3.95
CA ARG A 166 10.07 -6.32 -3.81
C ARG A 166 10.50 -5.37 -2.70
N TYR A 167 11.51 -5.78 -1.93
CA TYR A 167 12.05 -4.96 -0.86
C TYR A 167 13.49 -4.58 -1.18
N THR A 168 13.70 -3.29 -1.45
CA THR A 168 15.02 -2.77 -1.80
C THR A 168 15.67 -2.15 -0.58
N PRO A 169 16.85 -2.66 -0.20
CA PRO A 169 17.53 -2.00 0.92
C PRO A 169 18.12 -0.65 0.52
N LEU A 170 17.91 0.36 1.34
CA LEU A 170 18.45 1.70 1.08
C LEU A 170 19.69 2.00 1.94
N LYS A 171 19.60 1.67 3.22
CA LYS A 171 20.65 1.98 4.19
C LYS A 171 20.64 0.93 5.29
N ARG A 172 21.79 0.68 5.90
CA ARG A 172 21.88 -0.24 7.03
C ARG A 172 22.64 0.41 8.19
N TRP A 173 22.32 -0.01 9.42
CA TRP A 173 22.93 0.54 10.62
C TRP A 173 23.30 -0.58 11.57
N ALA A 174 24.57 -0.63 11.97
CA ALA A 174 25.01 -1.64 12.90
C ALA A 174 24.59 -1.29 14.33
N LEU A 175 24.42 -2.31 15.16
CA LEU A 175 24.09 -2.12 16.57
C LEU A 175 25.33 -2.37 17.42
N THR A 176 25.26 -1.99 18.69
CA THR A 176 26.38 -2.02 19.63
C THR A 176 27.38 -0.89 19.34
N GLN A 177 27.12 -0.13 18.27
CA GLN A 177 28.00 0.94 17.79
C GLN A 177 29.50 0.62 17.85
N SER B 3 9.44 21.48 -18.06
CA SER B 3 10.84 21.08 -18.13
C SER B 3 11.12 19.88 -17.24
N GLU B 4 10.78 20.02 -15.95
CA GLU B 4 11.03 18.97 -14.96
C GLU B 4 9.93 17.89 -15.02
N PRO B 5 10.24 16.70 -14.51
CA PRO B 5 9.28 15.59 -14.61
C PRO B 5 8.16 15.71 -13.60
N GLN B 6 7.03 15.09 -13.90
CA GLN B 6 5.89 15.08 -12.98
C GLN B 6 5.31 13.68 -12.90
N ARG B 7 4.69 13.36 -11.78
CA ARG B 7 3.98 12.10 -11.63
C ARG B 7 2.54 12.30 -12.08
N LEU B 8 2.16 11.62 -13.17
CA LEU B 8 0.88 11.91 -13.84
C LEU B 8 -0.08 10.72 -13.89
N PHE B 9 -1.37 11.04 -14.04
CA PHE B 9 -2.41 10.03 -14.25
C PHE B 9 -3.68 10.67 -14.85
N PHE B 10 -4.39 9.91 -15.69
CA PHE B 10 -5.71 10.33 -16.16
C PHE B 10 -6.80 9.85 -15.19
N ALA B 11 -7.87 10.61 -15.05
CA ALA B 11 -8.93 10.25 -14.12
C ALA B 11 -10.30 10.83 -14.46
N ILE B 12 -11.32 10.19 -13.92
CA ILE B 12 -12.69 10.70 -13.92
C ILE B 12 -12.96 11.25 -12.54
N ASP B 13 -13.67 12.37 -12.47
CA ASP B 13 -13.94 13.02 -11.20
C ASP B 13 -15.40 12.83 -10.81
N LEU B 14 -15.73 13.23 -9.59
CA LEU B 14 -17.07 13.08 -9.05
C LEU B 14 -17.71 14.45 -8.85
N PRO B 15 -19.00 14.58 -9.18
CA PRO B 15 -19.71 15.82 -8.84
C PRO B 15 -19.67 16.04 -7.33
N ALA B 16 -19.73 17.31 -6.93
CA ALA B 16 -19.63 17.68 -5.51
C ALA B 16 -20.66 16.95 -4.66
N GLU B 17 -21.91 16.97 -5.10
CA GLU B 17 -23.02 16.41 -4.33
C GLU B 17 -22.80 14.93 -4.00
N ILE B 18 -22.34 14.17 -4.99
CA ILE B 18 -22.12 12.75 -4.82
C ILE B 18 -20.87 12.53 -3.98
N ARG B 19 -19.87 13.36 -4.20
CA ARG B 19 -18.66 13.36 -3.38
C ARG B 19 -19.06 13.51 -1.91
N GLU B 20 -20.01 14.40 -1.65
CA GLU B 20 -20.43 14.67 -0.28
C GLU B 20 -21.25 13.52 0.28
N GLN B 21 -22.02 12.86 -0.57
CA GLN B 21 -22.79 11.71 -0.14
C GLN B 21 -21.86 10.59 0.26
N ILE B 22 -20.79 10.43 -0.52
CA ILE B 22 -19.83 9.36 -0.31
C ILE B 22 -19.08 9.51 1.01
N ILE B 23 -18.74 10.73 1.39
CA ILE B 23 -17.99 10.93 2.62
C ILE B 23 -18.87 10.73 3.87
N HIS B 24 -20.11 11.20 3.81
CA HIS B 24 -21.04 11.03 4.93
C HIS B 24 -21.34 9.56 5.13
N TRP B 25 -21.31 8.80 4.04
CA TRP B 25 -21.53 7.36 4.06
C TRP B 25 -20.29 6.71 4.68
N ARG B 26 -19.12 7.14 4.22
CA ARG B 26 -17.86 6.63 4.74
C ARG B 26 -17.78 6.83 6.25
N ALA B 27 -18.06 8.05 6.71
CA ALA B 27 -17.95 8.37 8.13
C ALA B 27 -19.00 7.65 8.96
N LYS B 28 -20.06 7.18 8.30
CA LYS B 28 -21.19 6.58 8.97
C LYS B 28 -20.99 5.07 9.13
N HIS B 29 -20.13 4.49 8.30
CA HIS B 29 -19.95 3.04 8.28
C HIS B 29 -18.52 2.59 8.60
N PHE B 30 -17.57 3.53 8.64
CA PHE B 30 -16.16 3.19 8.85
C PHE B 30 -15.51 4.06 9.94
N PRO B 31 -15.25 3.47 11.12
CA PRO B 31 -14.53 4.22 12.15
C PRO B 31 -13.10 4.48 11.73
N PRO B 32 -12.43 5.45 12.37
CA PRO B 32 -11.02 5.78 12.09
C PRO B 32 -10.09 4.57 12.06
N GLU B 33 -10.27 3.67 13.03
CA GLU B 33 -9.42 2.48 13.17
C GLU B 33 -9.47 1.58 11.93
N ALA B 34 -10.52 1.73 11.13
CA ALA B 34 -10.68 0.95 9.90
C ALA B 34 -9.73 1.40 8.80
N GLY B 35 -9.21 2.62 8.90
CA GLY B 35 -8.24 3.09 7.93
C GLY B 35 -8.16 4.61 7.79
N ARG B 36 -7.23 5.06 6.96
CA ARG B 36 -7.04 6.48 6.73
C ARG B 36 -8.00 6.97 5.64
N PRO B 37 -8.97 7.84 6.00
CA PRO B 37 -9.88 8.35 4.98
C PRO B 37 -9.21 9.25 3.94
N VAL B 38 -9.47 8.99 2.67
CA VAL B 38 -8.97 9.83 1.58
C VAL B 38 -9.69 11.17 1.64
N ALA B 39 -8.92 12.26 1.53
CA ALA B 39 -9.49 13.60 1.51
C ALA B 39 -10.57 13.69 0.44
N ALA B 40 -11.67 14.37 0.78
CA ALA B 40 -12.83 14.42 -0.11
C ALA B 40 -12.45 14.89 -1.51
N ASP B 41 -11.66 15.96 -1.59
CA ASP B 41 -11.26 16.51 -2.88
C ASP B 41 -10.41 15.54 -3.68
N ASN B 42 -9.77 14.59 -3.01
CA ASN B 42 -8.92 13.63 -3.70
C ASN B 42 -9.67 12.40 -4.19
N LEU B 43 -10.96 12.33 -3.91
CA LEU B 43 -11.75 11.21 -4.38
C LEU B 43 -11.87 11.30 -5.90
N HIS B 44 -11.50 10.22 -6.57
CA HIS B 44 -11.47 10.18 -8.03
C HIS B 44 -11.37 8.75 -8.50
N LEU B 45 -11.67 8.51 -9.79
CA LEU B 45 -11.52 7.19 -10.39
C LEU B 45 -10.41 7.25 -11.45
N THR B 46 -9.36 6.46 -11.26
CA THR B 46 -8.19 6.53 -12.13
C THR B 46 -8.33 5.67 -13.38
N LEU B 47 -8.06 6.30 -14.53
CA LEU B 47 -8.13 5.62 -15.82
C LEU B 47 -6.80 5.02 -16.24
N ALA B 48 -5.71 5.69 -15.88
CA ALA B 48 -4.38 5.26 -16.27
C ALA B 48 -3.31 6.02 -15.47
N PHE B 49 -2.37 5.28 -14.89
CA PHE B 49 -1.25 5.89 -14.15
C PHE B 49 0.00 5.85 -15.01
N LEU B 50 0.54 7.03 -15.33
CA LEU B 50 1.62 7.15 -16.29
C LEU B 50 3.01 7.12 -15.64
N GLY B 51 3.08 7.34 -14.33
CA GLY B 51 4.34 7.37 -13.63
C GLY B 51 5.02 8.71 -13.74
N GLU B 52 6.33 8.75 -13.50
CA GLU B 52 7.13 9.97 -13.69
C GLU B 52 7.32 10.25 -15.19
N VAL B 53 6.72 11.33 -15.67
CA VAL B 53 6.72 11.64 -17.10
C VAL B 53 7.49 12.92 -17.38
N SER B 54 8.36 12.89 -18.39
CA SER B 54 9.09 14.09 -18.80
C SER B 54 8.12 15.08 -19.45
N ALA B 55 8.54 16.33 -19.59
CA ALA B 55 7.69 17.35 -20.17
C ALA B 55 7.42 17.05 -21.63
N GLU B 56 8.44 16.57 -22.33
CA GLU B 56 8.34 16.31 -23.77
C GLU B 56 7.37 15.16 -24.05
N LYS B 57 7.33 14.19 -23.15
CA LYS B 57 6.43 13.05 -23.30
C LYS B 57 5.01 13.37 -22.81
N GLU B 58 4.93 14.21 -21.78
CA GLU B 58 3.63 14.68 -21.30
C GLU B 58 2.90 15.37 -22.45
N LYS B 59 3.65 16.18 -23.20
CA LYS B 59 3.10 16.91 -24.31
C LYS B 59 2.58 15.96 -25.38
N ALA B 60 3.27 14.83 -25.54
CA ALA B 60 2.96 13.90 -26.61
C ALA B 60 1.72 13.07 -26.29
N LEU B 61 1.53 12.77 -25.01
CA LEU B 61 0.39 11.97 -24.57
C LEU B 61 -0.88 12.82 -24.54
N SER B 62 -0.71 14.12 -24.36
CA SER B 62 -1.84 15.03 -24.41
C SER B 62 -2.38 15.10 -25.82
N LEU B 63 -1.50 15.13 -26.81
CA LEU B 63 -1.94 15.16 -28.20
C LEU B 63 -2.73 13.91 -28.55
N LEU B 64 -2.22 12.76 -28.12
CA LEU B 64 -2.89 11.50 -28.39
C LEU B 64 -4.23 11.47 -27.66
N ALA B 65 -4.21 11.86 -26.39
CA ALA B 65 -5.43 11.93 -25.60
C ALA B 65 -6.43 12.86 -26.27
N GLY B 66 -5.94 13.85 -27.00
CA GLY B 66 -6.78 14.83 -27.67
C GLY B 66 -7.38 14.33 -28.96
N ARG B 67 -6.93 13.16 -29.40
CA ARG B 67 -7.48 12.52 -30.60
C ARG B 67 -8.63 11.58 -30.24
N ILE B 68 -8.84 11.37 -28.94
CA ILE B 68 -9.92 10.53 -28.46
C ILE B 68 -11.27 11.20 -28.67
N ARG B 69 -12.08 10.60 -29.53
CA ARG B 69 -13.45 11.03 -29.76
C ARG B 69 -14.34 9.89 -29.28
N GLN B 70 -14.96 10.07 -28.13
CA GLN B 70 -15.78 9.02 -27.54
C GLN B 70 -16.94 9.60 -26.74
N PRO B 71 -18.15 9.02 -26.90
CA PRO B 71 -19.33 9.55 -26.20
C PRO B 71 -19.17 9.60 -24.69
N GLY B 72 -19.86 10.54 -24.05
CA GLY B 72 -19.99 10.52 -22.61
C GLY B 72 -20.76 9.29 -22.20
N PHE B 73 -20.69 8.94 -20.93
CA PHE B 73 -21.40 7.77 -20.41
C PHE B 73 -21.79 8.01 -18.97
N THR B 74 -22.78 7.25 -18.51
CA THR B 74 -23.27 7.35 -17.15
C THR B 74 -22.51 6.37 -16.26
N LEU B 75 -22.24 6.80 -15.03
CA LEU B 75 -21.56 5.99 -14.05
C LEU B 75 -22.47 5.86 -12.83
N THR B 76 -22.93 4.63 -12.60
CA THR B 76 -23.71 4.31 -11.40
C THR B 76 -22.86 3.45 -10.48
N LEU B 77 -22.57 3.95 -9.28
CA LEU B 77 -21.73 3.23 -8.33
C LEU B 77 -22.54 2.28 -7.44
N ASP B 78 -22.62 1.02 -7.85
CA ASP B 78 -23.45 0.03 -7.15
C ASP B 78 -22.65 -0.96 -6.29
N ASP B 79 -21.32 -0.83 -6.29
CA ASP B 79 -20.49 -1.81 -5.59
C ASP B 79 -19.52 -1.15 -4.61
N ALA B 80 -19.03 -1.95 -3.67
CA ALA B 80 -18.01 -1.52 -2.73
C ALA B 80 -17.33 -2.75 -2.19
N GLY B 81 -16.06 -2.63 -1.84
CA GLY B 81 -15.28 -3.77 -1.36
C GLY B 81 -14.01 -3.35 -0.68
N GLN B 82 -13.13 -4.32 -0.46
CA GLN B 82 -11.88 -4.12 0.25
C GLN B 82 -10.81 -5.06 -0.30
N TRP B 83 -9.72 -4.49 -0.80
CA TRP B 83 -8.54 -5.26 -1.22
C TRP B 83 -7.49 -5.20 -0.11
N LEU B 84 -7.20 -6.34 0.52
CA LEU B 84 -6.21 -6.36 1.59
C LEU B 84 -4.78 -6.24 1.07
N ARG B 85 -4.52 -6.83 -0.09
CA ARG B 85 -3.19 -6.73 -0.71
C ARG B 85 -2.69 -5.28 -0.73
N SER B 86 -3.55 -4.37 -1.21
CA SER B 86 -3.25 -2.94 -1.28
C SER B 86 -3.70 -2.20 -0.02
N ARG B 87 -4.45 -2.88 0.83
CA ARG B 87 -4.94 -2.33 2.09
C ARG B 87 -5.85 -1.13 1.85
N VAL B 88 -6.74 -1.27 0.87
CA VAL B 88 -7.68 -0.21 0.53
C VAL B 88 -9.14 -0.66 0.63
N VAL B 89 -10.02 0.31 0.87
CA VAL B 89 -11.46 0.15 0.74
C VAL B 89 -11.93 1.08 -0.36
N TRP B 90 -12.70 0.54 -1.29
CA TRP B 90 -13.01 1.23 -2.53
C TRP B 90 -14.49 1.18 -2.91
N LEU B 91 -14.90 2.14 -3.75
CA LEU B 91 -16.19 2.11 -4.43
C LEU B 91 -15.95 1.76 -5.88
N GLY B 92 -16.88 1.01 -6.47
CA GLY B 92 -16.73 0.62 -7.85
C GLY B 92 -18.05 0.24 -8.50
N MET B 93 -17.95 -0.53 -9.57
N MET B 93 -17.95 -0.50 -9.60
CA MET B 93 -19.09 -0.94 -10.37
CA MET B 93 -19.13 -0.94 -10.33
C MET B 93 -19.04 -2.44 -10.62
C MET B 93 -19.05 -2.43 -10.60
N ARG B 94 -20.18 -3.10 -10.49
CA ARG B 94 -20.25 -4.51 -10.80
C ARG B 94 -20.04 -4.71 -12.30
N GLN B 95 -20.64 -3.82 -13.10
CA GLN B 95 -20.57 -3.89 -14.55
C GLN B 95 -20.26 -2.53 -15.14
N PRO B 96 -18.97 -2.14 -15.16
CA PRO B 96 -18.59 -0.85 -15.73
C PRO B 96 -19.07 -0.72 -17.17
N PRO B 97 -19.45 0.51 -17.60
CA PRO B 97 -19.91 0.68 -18.98
C PRO B 97 -18.80 0.45 -19.99
N ARG B 98 -19.15 0.24 -21.25
CA ARG B 98 -18.17 0.06 -22.31
C ARG B 98 -17.28 1.30 -22.40
N GLY B 99 -17.90 2.47 -22.26
CA GLY B 99 -17.20 3.73 -22.42
C GLY B 99 -16.04 3.89 -21.46
N LEU B 100 -16.19 3.41 -20.24
CA LEU B 100 -15.14 3.55 -19.23
C LEU B 100 -13.97 2.65 -19.59
N ILE B 101 -14.27 1.45 -20.07
CA ILE B 101 -13.23 0.47 -20.39
C ILE B 101 -12.51 0.91 -21.65
N GLN B 102 -13.26 1.35 -22.66
CA GLN B 102 -12.69 1.81 -23.92
C GLN B 102 -11.74 2.98 -23.70
N LEU B 103 -12.23 4.02 -23.03
CA LEU B 103 -11.43 5.19 -22.72
C LEU B 103 -10.14 4.80 -22.00
N ALA B 104 -10.27 4.00 -20.94
CA ALA B 104 -9.12 3.56 -20.14
C ALA B 104 -8.09 2.77 -20.94
N ASN B 105 -8.56 1.90 -21.83
CA ASN B 105 -7.66 1.10 -22.66
C ASN B 105 -7.08 1.89 -23.83
N MET B 106 -7.79 2.92 -24.27
CA MET B 106 -7.25 3.82 -25.28
C MET B 106 -6.06 4.54 -24.68
N LEU B 107 -6.24 5.08 -23.48
CA LEU B 107 -5.19 5.81 -22.80
C LEU B 107 -4.03 4.89 -22.44
N ARG B 108 -4.35 3.66 -22.05
CA ARG B 108 -3.33 2.67 -21.73
C ARG B 108 -2.57 2.24 -22.99
N SER B 109 -3.30 2.05 -24.09
CA SER B 109 -2.69 1.66 -25.36
C SER B 109 -2.06 2.85 -26.08
N GLN B 110 -1.99 3.99 -25.38
CA GLN B 110 -1.28 5.16 -25.88
C GLN B 110 -0.01 5.33 -25.06
N ALA B 111 -0.14 5.11 -23.76
CA ALA B 111 1.02 5.13 -22.87
C ALA B 111 1.90 3.92 -23.15
N ALA B 112 1.28 2.83 -23.61
CA ALA B 112 2.02 1.60 -23.93
C ALA B 112 2.93 1.80 -25.15
N ARG B 113 2.43 2.54 -26.15
CA ARG B 113 3.21 2.78 -27.37
C ARG B 113 4.23 3.90 -27.18
N SER B 114 4.45 4.31 -25.93
CA SER B 114 5.32 5.43 -25.62
C SER B 114 6.35 5.13 -24.52
N GLY B 115 6.28 3.93 -23.94
CA GLY B 115 7.30 3.47 -23.00
C GLY B 115 6.94 3.59 -21.53
N CYS B 116 5.65 3.54 -21.20
CA CYS B 116 5.18 3.79 -19.83
C CYS B 116 4.90 2.54 -19.00
N PHE B 117 4.76 1.39 -19.65
CA PHE B 117 4.48 0.13 -18.97
C PHE B 117 3.14 0.21 -18.24
N PRO B 122 -3.46 -4.65 -14.21
CA PRO B 122 -4.75 -4.72 -14.91
C PRO B 122 -5.76 -3.67 -14.42
N PHE B 123 -6.78 -3.41 -15.22
CA PHE B 123 -7.71 -2.30 -14.96
C PHE B 123 -8.95 -2.72 -14.19
N HIS B 124 -8.96 -2.39 -12.91
CA HIS B 124 -10.13 -2.58 -12.06
C HIS B 124 -10.60 -1.19 -11.65
N PRO B 125 -11.57 -0.62 -12.40
CA PRO B 125 -12.00 0.75 -12.09
C PRO B 125 -12.59 0.85 -10.70
N HIS B 126 -12.11 1.80 -9.92
CA HIS B 126 -12.53 1.93 -8.53
C HIS B 126 -12.19 3.30 -8.00
N ILE B 127 -12.88 3.66 -6.93
CA ILE B 127 -12.62 4.91 -6.22
C ILE B 127 -12.21 4.52 -4.81
N THR B 128 -10.97 4.82 -4.47
CA THR B 128 -10.44 4.47 -3.16
C THR B 128 -10.95 5.46 -2.10
N LEU B 129 -11.49 4.91 -1.01
CA LEU B 129 -12.00 5.69 0.11
C LEU B 129 -11.07 5.69 1.31
N LEU B 130 -10.57 4.50 1.66
CA LEU B 130 -9.67 4.33 2.79
C LEU B 130 -8.37 3.68 2.32
N ARG B 131 -7.27 4.16 2.87
CA ARG B 131 -5.95 3.58 2.63
C ARG B 131 -5.41 3.10 3.97
N ASP B 132 -4.35 2.30 3.93
CA ASP B 132 -3.75 1.73 5.13
C ASP B 132 -4.81 1.03 5.98
N ALA B 133 -5.75 0.39 5.30
CA ALA B 133 -6.77 -0.41 5.95
C ALA B 133 -6.36 -1.86 5.85
N SER B 134 -5.64 -2.33 6.85
CA SER B 134 -5.00 -3.64 6.79
C SER B 134 -5.86 -4.75 7.40
N GLU B 135 -6.82 -4.37 8.24
CA GLU B 135 -7.69 -5.35 8.89
C GLU B 135 -9.03 -5.41 8.20
N ALA B 136 -9.59 -6.61 8.12
CA ALA B 136 -10.88 -6.82 7.45
C ALA B 136 -12.01 -6.10 8.18
N VAL B 137 -12.84 -5.41 7.41
CA VAL B 137 -14.04 -4.76 7.95
C VAL B 137 -15.26 -5.01 7.05
N THR B 138 -16.44 -5.03 7.68
CA THR B 138 -17.68 -5.31 6.97
C THR B 138 -18.00 -4.16 6.02
N ILE B 139 -18.13 -4.50 4.73
CA ILE B 139 -18.40 -3.51 3.70
C ILE B 139 -19.88 -3.49 3.39
N PRO B 140 -20.58 -2.42 3.81
CA PRO B 140 -21.99 -2.31 3.43
C PRO B 140 -22.13 -1.95 1.96
N PRO B 141 -23.33 -2.11 1.38
CA PRO B 141 -23.51 -1.67 -0.01
C PRO B 141 -23.45 -0.15 -0.10
N PRO B 142 -23.19 0.39 -1.30
CA PRO B 142 -23.12 1.85 -1.42
C PRO B 142 -24.46 2.50 -1.18
N GLY B 143 -24.47 3.81 -1.09
CA GLY B 143 -25.70 4.55 -0.92
C GLY B 143 -26.58 4.47 -2.14
N PHE B 144 -27.82 4.92 -2.00
CA PHE B 144 -28.79 4.85 -3.08
C PHE B 144 -28.49 5.93 -4.13
N ASN B 145 -28.48 5.51 -5.39
CA ASN B 145 -28.60 6.42 -6.52
C ASN B 145 -27.40 7.33 -6.75
N TRP B 146 -26.22 6.83 -6.37
CA TRP B 146 -24.98 7.50 -6.68
C TRP B 146 -24.66 7.30 -8.16
N SER B 147 -25.33 8.08 -8.99
CA SER B 147 -25.29 7.90 -10.44
C SER B 147 -25.11 9.26 -11.08
N TYR B 148 -24.25 9.35 -12.09
CA TYR B 148 -24.03 10.63 -12.75
C TYR B 148 -23.45 10.48 -14.14
N ALA B 149 -23.51 11.56 -14.89
CA ALA B 149 -23.01 11.59 -16.25
C ALA B 149 -21.56 12.04 -16.27
N VAL B 150 -20.73 11.31 -17.02
CA VAL B 150 -19.32 11.67 -17.18
C VAL B 150 -19.16 12.46 -18.48
N THR B 151 -18.72 13.71 -18.35
CA THR B 151 -18.69 14.61 -19.50
C THR B 151 -17.28 14.80 -20.02
N GLU B 152 -16.29 14.39 -19.22
CA GLU B 152 -14.90 14.66 -19.56
C GLU B 152 -13.93 13.82 -18.73
N PHE B 153 -12.66 13.84 -19.12
CA PHE B 153 -11.58 13.26 -18.32
C PHE B 153 -10.41 14.25 -18.18
N THR B 154 -9.54 14.02 -17.19
CA THR B 154 -8.55 15.02 -16.78
C THR B 154 -7.18 14.41 -16.58
N LEU B 155 -6.15 15.13 -17.04
CA LEU B 155 -4.76 14.76 -16.74
C LEU B 155 -4.33 15.48 -15.47
N TYR B 156 -3.97 14.69 -14.45
CA TYR B 156 -3.59 15.23 -13.15
C TYR B 156 -2.11 15.03 -12.90
N ALA B 157 -1.52 15.94 -12.14
CA ALA B 157 -0.17 15.76 -11.62
C ALA B 157 -0.24 15.53 -10.13
N SER B 158 0.39 14.46 -9.66
CA SER B 158 0.41 14.11 -8.25
C SER B 158 1.68 14.63 -7.58
N SER B 159 1.51 15.32 -6.46
CA SER B 159 2.64 15.80 -5.66
C SER B 159 2.49 15.28 -4.24
N PHE B 160 3.49 15.53 -3.40
CA PHE B 160 3.50 15.00 -2.04
C PHE B 160 4.32 15.91 -1.13
N ALA B 161 3.74 17.05 -0.78
CA ALA B 161 4.34 17.95 0.20
C ALA B 161 3.81 17.56 1.57
N ARG B 162 4.58 17.86 2.61
CA ARG B 162 4.17 17.52 3.98
C ARG B 162 3.98 16.01 4.06
N GLY B 163 2.81 15.56 4.53
CA GLY B 163 2.42 14.17 4.47
C GLY B 163 1.14 14.03 3.66
N ARG B 164 0.80 15.09 2.92
CA ARG B 164 -0.43 15.13 2.13
C ARG B 164 -0.15 14.92 0.65
N THR B 165 -0.92 14.03 0.04
CA THR B 165 -0.93 13.87 -1.40
C THR B 165 -1.93 14.87 -1.97
N ARG B 166 -1.56 15.56 -3.04
CA ARG B 166 -2.42 16.54 -3.67
C ARG B 166 -2.42 16.40 -5.19
N TYR B 167 -3.59 16.56 -5.80
CA TYR B 167 -3.74 16.41 -7.25
C TYR B 167 -4.03 17.75 -7.92
N THR B 168 -3.25 18.05 -8.97
CA THR B 168 -3.36 19.31 -9.68
C THR B 168 -3.89 19.05 -11.06
N PRO B 169 -4.99 19.73 -11.44
CA PRO B 169 -5.47 19.54 -12.82
C PRO B 169 -4.55 20.23 -13.81
N LEU B 170 -4.21 19.54 -14.90
CA LEU B 170 -3.37 20.12 -15.95
C LEU B 170 -4.16 20.37 -17.22
N LYS B 171 -4.92 19.36 -17.65
CA LYS B 171 -5.73 19.46 -18.84
C LYS B 171 -6.97 18.61 -18.68
N ARG B 172 -8.06 19.04 -19.31
CA ARG B 172 -9.29 18.26 -19.36
C ARG B 172 -9.73 18.08 -20.80
N TRP B 173 -10.36 16.95 -21.11
CA TRP B 173 -10.94 16.70 -22.43
C TRP B 173 -12.40 16.27 -22.30
N ALA B 174 -13.28 16.97 -23.02
CA ALA B 174 -14.69 16.64 -23.02
C ALA B 174 -14.99 15.44 -23.89
N LEU B 175 -15.84 14.55 -23.37
CA LEU B 175 -16.38 13.46 -24.16
C LEU B 175 -17.56 13.98 -24.96
N THR B 176 -17.80 13.37 -26.12
CA THR B 176 -18.79 13.88 -27.06
C THR B 176 -20.22 13.65 -26.58
N GLN B 177 -21.16 14.44 -27.11
CA GLN B 177 -22.54 14.40 -26.67
C GLN B 177 -23.34 13.30 -27.36
P 2AM C . 2.84 -7.12 7.81
O1P 2AM C . 3.85 -8.14 7.33
O2P 2AM C . 2.29 -7.54 9.15
O3P 2AM C . 1.71 -7.02 6.80
C5' 2AM C . 6.17 -4.09 4.27
O5' 2AM C . 5.00 -3.68 3.60
C4' 2AM C . 5.89 -4.20 5.77
O4' 2AM C . 5.19 -3.07 6.24
C3' 2AM C . 5.02 -5.42 6.07
O3' 2AM C . 5.76 -6.32 6.86
C2' 2AM C . 3.80 -4.88 6.80
O2' 2AM C . 3.52 -5.66 7.94
C1' 2AM C . 4.20 -3.46 7.17
N9 2AM C . 3.07 -2.49 7.17
C8 2AM C . 2.46 -1.98 8.29
N7 2AM C . 1.50 -1.11 7.90
C5 2AM C . 1.48 -1.06 6.55
C6 2AM C . 0.70 -0.33 5.64
N6 2AM C . -0.25 0.50 6.08
N1 2AM C . 0.93 -0.49 4.29
C2 2AM C . 1.91 -1.34 3.85
N3 2AM C . 2.68 -2.05 4.75
C4 2AM C . 2.48 -1.91 6.08
H5'1 2AM C . 6.50 -5.04 3.88
H5'2 2AM C . 6.97 -3.36 4.10
HO5' 2AM C . 4.28 -3.56 4.25
H4' 2AM C . 6.83 -4.31 6.29
H3' 2AM C . 4.71 -5.88 5.13
HO3' 2AM C . 5.34 -6.42 7.73
H2' 2AM C . 2.95 -4.86 6.12
H1' 2AM C . 4.64 -3.48 8.17
H8 2AM C . 2.71 -2.23 9.32
HN61 2AM C . -0.42 0.60 7.07
HN62 2AM C . -0.81 1.01 5.41
H2 2AM C . 2.09 -1.46 2.78
CL CL D . 5.83 -11.72 -0.91
P 2AM E . -5.19 3.72 -5.97
O1P 2AM E . -6.15 2.61 -6.29
O2P 2AM E . -3.89 3.14 -5.46
O3P 2AM E . -5.80 4.59 -4.90
C5' 2AM E . -2.04 8.42 -7.09
O5' 2AM E . -0.91 8.46 -7.93
C4' 2AM E . -3.20 7.74 -7.83
O4' 2AM E . -2.71 6.91 -8.86
C3' 2AM E . -4.05 6.86 -6.91
O3' 2AM E . -5.42 7.21 -7.01
C2' 2AM E . -3.82 5.45 -7.41
O2' 2AM E . -4.94 4.61 -7.30
C1' 2AM E . -3.36 5.65 -8.85
N9 2AM E . -2.48 4.55 -9.28
C8 2AM E . -2.83 3.54 -10.15
N7 2AM E . -1.76 2.73 -10.30
C5 2AM E . -0.73 3.18 -9.54
C6 2AM E . 0.55 2.72 -9.34
N6 2AM E . 0.98 1.62 -9.96
N1 2AM E . 1.40 3.40 -8.49
C2 2AM E . 0.96 4.55 -7.85
N3 2AM E . -0.34 5.00 -8.06
C4 2AM E . -1.18 4.33 -8.90
H5'1 2AM E . -2.34 9.43 -6.80
H5'2 2AM E . -1.80 7.85 -6.19
HO5' 2AM E . -1.12 8.06 -8.80
H4' 2AM E . -3.84 8.52 -8.24
H3' 2AM E . -3.70 6.95 -5.88
HO3' 2AM E . -5.93 6.45 -7.39
H2' 2AM E . -2.98 5.02 -6.84
H1' 2AM E . -4.25 5.68 -9.48
H8 2AM E . -3.79 3.42 -10.63
HN61 2AM E . 0.36 1.12 -10.58
HN62 2AM E . 1.93 1.28 -9.81
H2 2AM E . 1.62 5.09 -7.18
#